data_7WDS
#
_entry.id   7WDS
#
_cell.length_a   203.169
_cell.length_b   203.169
_cell.length_c   203.169
_cell.angle_alpha   90.00
_cell.angle_beta   90.00
_cell.angle_gamma   90.00
#
_symmetry.space_group_name_H-M   'I 4 3 2'
#
loop_
_entity.id
_entity.type
_entity.pdbx_description
1 polymer Beta-glucosidase
2 non-polymer beta-D-xylopyranose
3 non-polymer 'SULFATE ION'
4 water water
#
_entity_poly.entity_id   1
_entity_poly.type   'polypeptide(L)'
_entity_poly.pdbx_seq_one_letter_code
;MVSTQNEPHRFPPDFQWGVATSSYQIEGAVEADGRSPSIWDTFCARPGAIADGSTGAIANDHYHRYREDIAIMKQLGVNA
YRFSIAWPRILPDGRGRVNQAGVDFYERLVDSLLEQGIEPYATLYHWDMPQVQHDRTPWYDRGVVDAFVEYTDVITRRLS
DRVKYWMTLNEPWVISFLGYGAGEHAPGLRDKELYLRAAHHVLLAHGKAMPVIRANGNAQTKAGIVLNLNWVNAASDSPE
DQAAARRYDQFFNRWFAEPLYNGRYPEELLEWYGRDLVPVQPGDFDIITTPTDFLAVNYYARTTVKAGSTDPMLQVDFVR
PPGEYTAMDWEVYPQGLYNILNWLHTDYAPPALYVTENGAAYDDQVSAAGEVDDPQRLAYLEGHFEAAYRAIQAGIPLKG
YFVWSLMDNFEWGRGFEKRFGIVFVDYATQQRIIKRSGKWFSQVTRANGLPAPQTTLP
;
_entity_poly.pdbx_strand_id   A
#
# COMPACT_ATOMS: atom_id res chain seq x y z
N GLU A 7 -17.77 16.00 -22.01
CA GLU A 7 -17.36 14.74 -22.73
C GLU A 7 -16.51 13.85 -21.82
N PRO A 8 -15.65 14.38 -20.89
CA PRO A 8 -14.95 13.58 -19.87
C PRO A 8 -15.32 13.76 -18.37
N HIS A 9 -16.65 13.70 -18.04
CA HIS A 9 -17.29 14.21 -16.79
C HIS A 9 -17.36 13.16 -15.64
N ARG A 10 -18.46 12.42 -15.52
CA ARG A 10 -18.95 11.85 -14.24
C ARG A 10 -18.53 10.37 -14.10
N PHE A 11 -18.16 9.97 -12.88
CA PHE A 11 -17.86 8.56 -12.49
C PHE A 11 -19.18 7.84 -12.18
N PRO A 12 -19.19 6.50 -12.08
CA PRO A 12 -20.41 5.78 -11.74
C PRO A 12 -21.02 6.25 -10.42
N PRO A 13 -22.34 6.18 -10.27
CA PRO A 13 -23.00 6.76 -9.10
C PRO A 13 -22.55 6.23 -7.73
N ASP A 14 -22.12 4.97 -7.60
CA ASP A 14 -21.70 4.46 -6.27
C ASP A 14 -20.16 4.42 -6.19
N PHE A 15 -19.46 5.20 -7.02
CA PHE A 15 -17.96 5.20 -7.02
C PHE A 15 -17.43 5.59 -5.64
N GLN A 16 -16.39 4.91 -5.14
CA GLN A 16 -15.87 5.14 -3.76
C GLN A 16 -14.66 6.05 -3.91
N TRP A 17 -14.79 7.28 -3.46
CA TRP A 17 -13.69 8.27 -3.44
C TRP A 17 -13.10 8.22 -2.03
N GLY A 18 -11.81 7.94 -1.92
CA GLY A 18 -11.25 7.91 -0.56
C GLY A 18 -9.88 8.54 -0.44
N VAL A 19 -9.37 8.44 0.79
CA VAL A 19 -7.94 8.71 1.11
C VAL A 19 -7.41 7.50 1.85
N ALA A 20 -6.08 7.33 1.82
CA ALA A 20 -5.38 6.20 2.44
C ALA A 20 -4.28 6.68 3.37
N THR A 21 -4.02 5.86 4.39
CA THR A 21 -2.96 6.00 5.41
C THR A 21 -2.53 4.57 5.78
N SER A 22 -1.58 4.46 6.69
CA SER A 22 -1.16 3.23 7.37
C SER A 22 -0.81 3.59 8.80
N SER A 23 -0.94 2.59 9.65
CA SER A 23 -0.82 2.70 11.12
C SER A 23 0.51 3.34 11.52
N TYR A 24 1.67 2.76 11.13
CA TYR A 24 2.98 3.27 11.56
C TYR A 24 3.21 4.67 10.98
N GLN A 25 2.70 4.95 9.78
CA GLN A 25 3.00 6.24 9.16
C GLN A 25 2.29 7.38 9.89
N ILE A 26 1.14 7.14 10.57
CA ILE A 26 0.33 8.30 11.12
C ILE A 26 0.03 8.22 12.63
N GLU A 27 0.02 7.05 13.25
CA GLU A 27 -0.60 6.88 14.58
C GLU A 27 0.25 7.54 15.67
N GLY A 28 1.58 7.40 15.62
CA GLY A 28 2.41 7.75 16.79
C GLY A 28 2.01 6.92 18.03
N ALA A 29 2.17 7.52 19.20
CA ALA A 29 1.82 6.92 20.52
C ALA A 29 2.32 5.48 20.57
N VAL A 30 3.60 5.30 20.23
CA VAL A 30 4.16 3.95 19.93
C VAL A 30 4.24 3.07 21.18
N GLU A 31 4.23 3.68 22.37
CA GLU A 31 4.23 2.93 23.65
C GLU A 31 2.86 2.94 24.33
N ALA A 32 1.86 3.58 23.75
CA ALA A 32 0.57 3.85 24.42
C ALA A 32 -0.20 2.54 24.52
N ASP A 33 -0.91 2.35 25.62
CA ASP A 33 -2.03 1.38 25.69
C ASP A 33 -1.58 -0.01 25.28
N GLY A 34 -0.38 -0.43 25.69
CA GLY A 34 0.06 -1.84 25.61
C GLY A 34 0.70 -2.19 24.27
N ARG A 35 0.87 -1.20 23.39
CA ARG A 35 1.48 -1.48 22.06
C ARG A 35 2.93 -1.88 22.30
N SER A 36 3.40 -2.90 21.59
CA SER A 36 4.83 -3.34 21.69
C SER A 36 5.56 -2.79 20.48
N PRO A 37 6.91 -2.75 20.46
CA PRO A 37 7.64 -2.27 19.29
C PRO A 37 7.40 -3.12 18.03
N SER A 38 7.28 -2.42 16.90
CA SER A 38 7.19 -3.07 15.58
C SER A 38 8.60 -3.19 15.00
N ILE A 39 8.71 -3.97 13.93
CA ILE A 39 10.01 -4.08 13.19
C ILE A 39 10.44 -2.70 12.69
N TRP A 40 9.53 -1.76 12.51
CA TRP A 40 9.88 -0.36 12.13
C TRP A 40 10.38 0.47 13.31
N ASP A 41 9.81 0.30 14.51
CA ASP A 41 10.36 1.00 15.69
C ASP A 41 11.85 0.63 15.79
N THR A 42 12.22 -0.62 15.59
CA THR A 42 13.64 -1.06 15.70
C THR A 42 14.47 -0.57 14.50
N PHE A 43 13.98 -0.69 13.26
CA PHE A 43 14.68 -0.28 12.00
C PHE A 43 15.04 1.20 12.03
N CYS A 44 14.17 2.06 12.60
CA CYS A 44 14.44 3.52 12.66
C CYS A 44 15.65 3.82 13.53
N ALA A 45 16.10 2.89 14.38
CA ALA A 45 17.34 3.04 15.20
C ALA A 45 18.59 2.89 14.31
N ARG A 46 18.52 2.20 13.18
CA ARG A 46 19.69 1.87 12.34
C ARG A 46 20.23 3.15 11.70
N PRO A 47 21.51 3.50 11.88
CA PRO A 47 22.14 4.63 11.21
C PRO A 47 22.05 4.42 9.70
N GLY A 48 21.62 5.46 8.96
CA GLY A 48 21.45 5.36 7.50
C GLY A 48 20.11 4.81 7.00
N ALA A 49 19.25 4.23 7.85
CA ALA A 49 17.99 3.60 7.43
C ALA A 49 16.98 4.66 7.00
N ILE A 50 16.89 5.77 7.74
CA ILE A 50 15.87 6.85 7.47
C ILE A 50 16.63 8.09 7.06
N ALA A 51 16.31 8.67 5.91
CA ALA A 51 17.15 9.72 5.29
C ALA A 51 17.31 10.91 6.23
N ASP A 52 16.31 11.28 7.03
CA ASP A 52 16.40 12.52 7.86
C ASP A 52 16.67 12.12 9.31
N GLY A 53 16.90 10.85 9.63
CA GLY A 53 17.19 10.43 11.00
C GLY A 53 15.95 10.38 11.88
N SER A 54 14.76 10.37 11.29
CA SER A 54 13.48 10.49 12.03
C SER A 54 13.01 9.09 12.40
N THR A 55 11.94 9.02 13.19
CA THR A 55 11.22 7.77 13.54
C THR A 55 9.71 8.08 13.51
N GLY A 56 8.90 7.05 13.58
CA GLY A 56 7.44 7.14 13.63
C GLY A 56 6.89 7.28 15.04
N ALA A 57 7.73 7.63 16.03
CA ALA A 57 7.31 7.59 17.46
C ALA A 57 6.12 8.53 17.68
N ILE A 58 6.11 9.68 17.02
CA ILE A 58 5.03 10.68 17.16
C ILE A 58 4.23 10.78 15.86
N ALA A 59 4.92 10.86 14.73
CA ALA A 59 4.26 10.98 13.41
C ALA A 59 3.19 12.09 13.45
N ASN A 60 1.99 11.82 13.00
CA ASN A 60 0.81 12.76 12.98
C ASN A 60 0.04 12.71 14.30
N ASP A 61 0.46 11.87 15.26
CA ASP A 61 -0.31 11.69 16.54
C ASP A 61 -1.80 11.39 16.25
N HIS A 62 -2.10 10.61 15.22
CA HIS A 62 -3.49 10.28 14.84
C HIS A 62 -4.13 9.38 15.90
N TYR A 63 -3.34 8.62 16.67
CA TYR A 63 -3.85 7.80 17.78
C TYR A 63 -4.74 8.71 18.67
N HIS A 64 -4.29 9.93 18.91
CA HIS A 64 -4.96 10.89 19.83
C HIS A 64 -5.95 11.72 18.98
N ARG A 65 -5.57 12.08 17.74
CA ARG A 65 -6.26 13.14 16.92
C ARG A 65 -7.23 12.56 15.90
N TYR A 66 -7.48 11.24 15.90
CA TYR A 66 -8.36 10.61 14.88
C TYR A 66 -9.70 11.33 14.66
N ARG A 67 -10.41 11.81 15.67
CA ARG A 67 -11.73 12.46 15.42
C ARG A 67 -11.60 13.70 14.55
N GLU A 68 -10.60 14.54 14.80
CA GLU A 68 -10.24 15.75 14.06
C GLU A 68 -9.87 15.35 12.64
N ASP A 69 -9.13 14.24 12.46
CA ASP A 69 -8.73 13.74 11.12
C ASP A 69 -10.00 13.26 10.38
N ILE A 70 -10.92 12.60 11.06
CA ILE A 70 -12.19 12.15 10.41
C ILE A 70 -13.02 13.41 10.04
N ALA A 71 -13.04 14.46 10.84
CA ALA A 71 -13.78 15.70 10.47
C ALA A 71 -13.13 16.33 9.22
N ILE A 72 -11.81 16.24 9.06
CA ILE A 72 -11.11 16.69 7.81
C ILE A 72 -11.57 15.83 6.64
N MET A 73 -11.65 14.51 6.83
CA MET A 73 -12.17 13.60 5.78
C MET A 73 -13.58 14.07 5.35
N LYS A 74 -14.41 14.49 6.29
CA LYS A 74 -15.79 14.97 5.97
C LYS A 74 -15.71 16.24 5.13
N GLN A 75 -14.83 17.17 5.49
CA GLN A 75 -14.55 18.36 4.64
C GLN A 75 -14.13 17.94 3.25
N LEU A 76 -13.32 16.91 3.08
CA LEU A 76 -12.87 16.46 1.73
C LEU A 76 -14.01 15.76 0.97
N GLY A 77 -15.07 15.30 1.65
CA GLY A 77 -16.28 14.68 1.03
C GLY A 77 -16.01 13.26 0.57
N VAL A 78 -15.03 12.59 1.17
CA VAL A 78 -14.74 11.18 0.79
C VAL A 78 -15.90 10.32 1.35
N ASN A 79 -16.22 9.26 0.64
CA ASN A 79 -17.25 8.32 1.16
C ASN A 79 -16.56 7.03 1.64
N ALA A 80 -15.25 7.01 1.64
CA ALA A 80 -14.43 5.85 2.01
C ALA A 80 -13.08 6.28 2.61
N TYR A 81 -12.51 5.43 3.45
CA TYR A 81 -11.23 5.71 4.12
C TYR A 81 -10.45 4.41 4.30
N ARG A 82 -9.28 4.36 3.68
CA ARG A 82 -8.38 3.18 3.75
C ARG A 82 -7.32 3.45 4.82
N PHE A 83 -7.28 2.57 5.82
CA PHE A 83 -6.31 2.61 6.94
C PHE A 83 -5.76 1.22 7.15
N SER A 84 -4.69 1.13 7.96
CA SER A 84 -4.18 -0.20 8.42
C SER A 84 -4.36 -0.33 9.93
N ILE A 85 -4.37 -1.58 10.35
CA ILE A 85 -4.48 -2.00 11.77
C ILE A 85 -3.09 -2.47 12.23
N ALA A 86 -2.60 -1.90 13.32
CA ALA A 86 -1.29 -2.24 13.87
C ALA A 86 -1.38 -3.56 14.65
N TRP A 87 -0.78 -4.62 14.12
CA TRP A 87 -0.60 -5.94 14.83
C TRP A 87 -0.03 -5.76 16.24
N PRO A 88 0.94 -4.85 16.44
CA PRO A 88 1.54 -4.65 17.75
C PRO A 88 0.62 -4.05 18.83
N ARG A 89 -0.49 -3.44 18.44
CA ARG A 89 -1.58 -2.98 19.37
C ARG A 89 -2.56 -4.10 19.70
N ILE A 90 -2.83 -4.99 18.75
CA ILE A 90 -3.84 -6.07 18.89
C ILE A 90 -3.22 -7.24 19.66
N LEU A 91 -2.09 -7.78 19.20
CA LEU A 91 -1.37 -8.89 19.89
C LEU A 91 0.06 -8.43 20.09
N PRO A 92 0.35 -7.72 21.19
CA PRO A 92 1.67 -7.17 21.43
C PRO A 92 2.78 -8.21 21.65
N ASP A 93 2.40 -9.45 22.01
CA ASP A 93 3.35 -10.57 22.20
C ASP A 93 3.38 -11.36 20.90
N GLY A 94 2.76 -10.83 19.82
CA GLY A 94 2.73 -11.41 18.46
C GLY A 94 1.60 -12.40 18.30
N ARG A 95 1.45 -13.28 19.29
CA ARG A 95 0.30 -14.21 19.39
C ARG A 95 -0.23 -14.22 20.84
N GLY A 96 -1.26 -15.03 21.06
CA GLY A 96 -1.84 -15.26 22.40
C GLY A 96 -2.69 -14.09 22.86
N ARG A 97 -2.20 -13.33 23.83
CA ARG A 97 -3.07 -12.46 24.67
C ARG A 97 -3.50 -11.20 23.90
N VAL A 98 -4.78 -11.04 23.68
CA VAL A 98 -5.36 -9.85 23.02
C VAL A 98 -5.23 -8.65 23.95
N ASN A 99 -4.70 -7.56 23.40
CA ASN A 99 -4.65 -6.27 24.09
C ASN A 99 -5.98 -5.59 23.80
N GLN A 100 -6.91 -5.69 24.75
CA GLN A 100 -8.26 -5.11 24.66
C GLN A 100 -8.19 -3.62 24.30
N ALA A 101 -7.28 -2.87 24.90
CA ALA A 101 -7.19 -1.41 24.69
C ALA A 101 -6.74 -1.10 23.27
N GLY A 102 -5.96 -1.99 22.66
CA GLY A 102 -5.63 -1.82 21.23
C GLY A 102 -6.83 -2.11 20.35
N VAL A 103 -7.54 -3.22 20.59
CA VAL A 103 -8.81 -3.49 19.84
C VAL A 103 -9.73 -2.27 19.98
N ASP A 104 -9.85 -1.74 21.20
CA ASP A 104 -10.71 -0.59 21.53
C ASP A 104 -10.37 0.62 20.64
N PHE A 105 -9.10 0.96 20.40
CA PHE A 105 -8.77 2.10 19.50
C PHE A 105 -9.47 1.90 18.14
N TYR A 106 -9.36 0.71 17.51
CA TYR A 106 -9.92 0.47 16.15
C TYR A 106 -11.44 0.42 16.21
N GLU A 107 -12.03 0.01 17.33
CA GLU A 107 -13.51 0.09 17.49
C GLU A 107 -13.95 1.55 17.45
N ARG A 108 -13.25 2.41 18.20
CA ARG A 108 -13.58 3.86 18.31
C ARG A 108 -13.36 4.48 16.93
N LEU A 109 -12.33 4.01 16.21
CA LEU A 109 -12.01 4.62 14.90
C LEU A 109 -13.13 4.22 13.91
N VAL A 110 -13.47 2.93 13.84
CA VAL A 110 -14.51 2.41 12.91
C VAL A 110 -15.88 3.02 13.26
N ASP A 111 -16.25 3.16 14.53
CA ASP A 111 -17.54 3.78 14.92
C ASP A 111 -17.53 5.27 14.52
N SER A 112 -16.42 6.00 14.72
CA SER A 112 -16.32 7.44 14.35
C SER A 112 -16.46 7.60 12.83
N LEU A 113 -15.88 6.69 12.03
CA LEU A 113 -16.05 6.70 10.55
C LEU A 113 -17.51 6.39 10.18
N LEU A 114 -18.14 5.33 10.69
CA LEU A 114 -19.50 5.00 10.18
C LEU A 114 -20.50 6.09 10.63
N GLU A 115 -20.31 6.69 11.79
CA GLU A 115 -21.12 7.82 12.33
C GLU A 115 -21.04 8.97 11.32
N GLN A 116 -19.94 9.13 10.59
CA GLN A 116 -19.81 10.26 9.63
C GLN A 116 -20.12 9.78 8.22
N GLY A 117 -20.69 8.58 8.05
CA GLY A 117 -21.00 8.04 6.71
C GLY A 117 -19.73 7.75 5.91
N ILE A 118 -18.64 7.35 6.53
CA ILE A 118 -17.40 7.02 5.76
C ILE A 118 -17.18 5.51 5.82
N GLU A 119 -17.11 4.83 4.67
CA GLU A 119 -16.93 3.36 4.64
C GLU A 119 -15.50 2.99 5.02
N PRO A 120 -15.30 2.11 6.03
CA PRO A 120 -13.93 1.68 6.37
C PRO A 120 -13.38 0.59 5.44
N TYR A 121 -12.17 0.81 4.93
CA TYR A 121 -11.42 -0.20 4.13
C TYR A 121 -10.17 -0.54 4.96
N ALA A 122 -10.15 -1.70 5.63
CA ALA A 122 -9.12 -2.05 6.64
C ALA A 122 -8.02 -2.95 6.02
N THR A 123 -6.79 -2.45 5.99
CA THR A 123 -5.60 -3.25 5.64
C THR A 123 -5.13 -3.98 6.90
N LEU A 124 -4.99 -5.30 6.84
CA LEU A 124 -4.53 -6.10 8.01
C LEU A 124 -3.01 -5.94 8.25
N TYR A 125 -2.23 -6.03 7.20
CA TYR A 125 -0.75 -5.98 7.31
C TYR A 125 -0.18 -4.87 6.44
N HIS A 126 0.21 -3.77 7.08
CA HIS A 126 0.97 -2.69 6.38
C HIS A 126 2.33 -2.49 7.06
N TRP A 127 3.08 -3.61 7.25
CA TRP A 127 4.55 -3.63 7.38
C TRP A 127 5.02 -3.60 8.84
N ASP A 128 4.10 -3.41 9.79
CA ASP A 128 4.44 -3.20 11.22
C ASP A 128 4.30 -4.51 12.00
N MET A 129 4.97 -5.60 11.58
CA MET A 129 4.94 -6.82 12.40
C MET A 129 5.52 -6.50 13.79
N PRO A 130 5.00 -7.06 14.88
CA PRO A 130 5.69 -6.90 16.17
C PRO A 130 7.13 -7.40 16.11
N GLN A 131 8.06 -6.69 16.72
CA GLN A 131 9.47 -7.17 16.80
C GLN A 131 9.50 -8.56 17.43
N VAL A 132 8.75 -8.76 18.51
CA VAL A 132 8.87 -10.05 19.27
C VAL A 132 8.41 -11.19 18.36
N GLN A 133 7.47 -10.92 17.47
CA GLN A 133 6.97 -11.94 16.51
C GLN A 133 7.95 -12.12 15.35
N HIS A 134 8.68 -11.08 14.93
CA HIS A 134 9.67 -11.22 13.84
C HIS A 134 10.84 -12.08 14.36
N ASP A 135 11.14 -11.98 15.66
CA ASP A 135 12.25 -12.71 16.31
C ASP A 135 11.96 -14.20 16.23
N ARG A 136 10.69 -14.58 16.26
CA ARG A 136 10.24 -15.99 16.16
C ARG A 136 10.03 -16.38 14.70
N THR A 137 9.24 -15.61 13.97
CA THR A 137 8.93 -15.89 12.56
C THR A 137 9.11 -14.67 11.64
N PRO A 138 10.32 -14.48 11.08
CA PRO A 138 10.48 -13.54 9.98
C PRO A 138 9.71 -14.03 8.76
N TRP A 139 9.50 -13.15 7.79
CA TRP A 139 8.70 -13.52 6.61
C TRP A 139 9.29 -14.76 5.91
N TYR A 140 10.59 -14.97 5.95
CA TYR A 140 11.25 -16.11 5.26
C TYR A 140 11.05 -17.42 6.01
N ASP A 141 10.43 -17.40 7.21
CA ASP A 141 10.10 -18.62 7.99
C ASP A 141 8.60 -18.91 7.75
N ARG A 142 8.30 -20.12 7.30
CA ARG A 142 6.93 -20.52 6.94
C ARG A 142 5.98 -20.41 8.14
N GLY A 143 6.50 -20.41 9.37
CA GLY A 143 5.64 -20.28 10.57
C GLY A 143 4.97 -18.91 10.66
N VAL A 144 5.46 -17.92 9.89
CA VAL A 144 4.86 -16.56 9.87
C VAL A 144 3.41 -16.65 9.38
N VAL A 145 3.11 -17.63 8.53
CA VAL A 145 1.76 -17.73 7.91
C VAL A 145 0.74 -17.90 9.04
N ASP A 146 0.94 -18.84 9.97
CA ASP A 146 -0.14 -19.15 10.94
C ASP A 146 -0.22 -17.99 11.94
N ALA A 147 0.90 -17.32 12.20
CA ALA A 147 0.97 -16.14 13.09
C ALA A 147 0.11 -15.01 12.53
N PHE A 148 0.18 -14.79 11.23
CA PHE A 148 -0.62 -13.75 10.54
C PHE A 148 -2.10 -14.15 10.53
N VAL A 149 -2.39 -15.42 10.29
CA VAL A 149 -3.81 -15.89 10.27
C VAL A 149 -4.42 -15.72 11.67
N GLU A 150 -3.66 -16.01 12.74
CA GLU A 150 -4.15 -15.87 14.14
C GLU A 150 -4.53 -14.41 14.39
N TYR A 151 -3.66 -13.49 13.98
CA TYR A 151 -3.92 -12.03 14.14
C TYR A 151 -5.15 -11.66 13.35
N THR A 152 -5.23 -12.11 12.09
CA THR A 152 -6.38 -11.86 11.21
C THR A 152 -7.67 -12.35 11.93
N ASP A 153 -7.62 -13.56 12.48
CA ASP A 153 -8.79 -14.18 13.12
C ASP A 153 -9.29 -13.27 14.27
N VAL A 154 -8.38 -12.87 15.15
CA VAL A 154 -8.66 -12.07 16.36
C VAL A 154 -9.36 -10.79 15.93
N ILE A 155 -8.80 -10.08 14.95
CA ILE A 155 -9.23 -8.68 14.70
C ILE A 155 -10.52 -8.69 13.89
N THR A 156 -10.66 -9.62 12.94
CA THR A 156 -11.86 -9.74 12.09
C THR A 156 -13.04 -10.18 12.95
N ARG A 157 -12.84 -11.07 13.92
CA ARG A 157 -13.90 -11.46 14.90
C ARG A 157 -14.47 -10.22 15.58
N ARG A 158 -13.61 -9.30 16.02
CA ARG A 158 -14.02 -8.05 16.71
C ARG A 158 -14.69 -7.04 15.77
N LEU A 159 -14.28 -6.85 14.50
CA LEU A 159 -14.71 -5.66 13.74
C LEU A 159 -15.60 -5.99 12.54
N SER A 160 -15.80 -7.25 12.14
CA SER A 160 -16.38 -7.57 10.81
C SER A 160 -17.90 -7.28 10.80
N ASP A 161 -18.53 -7.01 11.96
CA ASP A 161 -19.92 -6.49 12.03
C ASP A 161 -19.95 -5.11 11.36
N ARG A 162 -18.84 -4.35 11.46
CA ARG A 162 -18.79 -2.93 11.00
C ARG A 162 -17.85 -2.74 9.79
N VAL A 163 -16.84 -3.61 9.62
CA VAL A 163 -15.93 -3.50 8.45
C VAL A 163 -16.28 -4.60 7.45
N LYS A 164 -16.65 -4.18 6.25
CA LYS A 164 -17.06 -5.09 5.16
C LYS A 164 -15.87 -5.33 4.20
N TYR A 165 -15.02 -4.32 3.95
CA TYR A 165 -13.88 -4.37 3.01
C TYR A 165 -12.55 -4.57 3.80
N TRP A 166 -11.83 -5.66 3.48
CA TRP A 166 -10.62 -6.14 4.17
C TRP A 166 -9.55 -6.35 3.10
N MET A 167 -8.41 -5.74 3.30
CA MET A 167 -7.23 -6.06 2.48
C MET A 167 -6.27 -6.88 3.35
N THR A 168 -5.71 -7.95 2.79
CA THR A 168 -4.84 -8.85 3.57
C THR A 168 -3.50 -8.14 3.83
N LEU A 169 -2.66 -8.04 2.81
CA LEU A 169 -1.30 -7.46 3.01
C LEU A 169 -1.08 -6.39 1.95
N ASN A 170 -0.45 -5.32 2.36
CA ASN A 170 -0.09 -4.18 1.50
C ASN A 170 1.27 -4.48 0.82
N GLU A 171 1.28 -4.55 -0.51
CA GLU A 171 2.48 -4.54 -1.41
C GLU A 171 3.46 -5.67 -1.03
N PRO A 172 3.12 -6.94 -1.36
CA PRO A 172 4.03 -8.08 -1.21
C PRO A 172 5.45 -7.83 -1.73
N TRP A 173 5.60 -7.13 -2.86
CA TRP A 173 6.94 -6.81 -3.44
C TRP A 173 7.75 -6.00 -2.45
N VAL A 174 7.14 -4.98 -1.84
CA VAL A 174 7.85 -4.12 -0.84
C VAL A 174 8.24 -4.97 0.38
N ILE A 175 7.31 -5.72 0.96
CA ILE A 175 7.53 -6.52 2.21
C ILE A 175 8.75 -7.41 1.92
N SER A 176 8.69 -8.15 0.83
CA SER A 176 9.69 -9.19 0.50
C SER A 176 10.96 -8.54 -0.04
N PHE A 177 10.89 -7.83 -1.16
CA PHE A 177 12.11 -7.30 -1.80
C PHE A 177 12.74 -6.15 -0.98
N LEU A 178 12.03 -5.09 -0.60
CA LEU A 178 12.67 -3.99 0.15
C LEU A 178 13.03 -4.46 1.56
N GLY A 179 12.27 -5.36 2.17
CA GLY A 179 12.57 -5.77 3.56
C GLY A 179 13.71 -6.80 3.63
N TYR A 180 13.82 -7.71 2.66
CA TYR A 180 14.72 -8.90 2.76
C TYR A 180 15.68 -9.01 1.59
N GLY A 181 15.45 -8.33 0.47
CA GLY A 181 16.27 -8.42 -0.74
C GLY A 181 17.16 -7.22 -0.96
N ALA A 182 16.77 -6.01 -0.56
CA ALA A 182 17.50 -4.75 -0.84
C ALA A 182 17.95 -4.08 0.47
N GLY A 183 17.41 -4.52 1.60
CA GLY A 183 17.74 -3.97 2.92
C GLY A 183 17.30 -2.52 3.12
N GLU A 184 16.30 -2.04 2.36
CA GLU A 184 15.84 -0.62 2.44
C GLU A 184 14.71 -0.45 3.47
N HIS A 185 13.93 -1.50 3.74
CA HIS A 185 12.81 -1.47 4.69
C HIS A 185 13.06 -2.51 5.79
N ALA A 186 12.33 -2.36 6.88
CA ALA A 186 12.39 -3.33 7.98
C ALA A 186 12.09 -4.73 7.43
N PRO A 187 12.79 -5.80 7.84
CA PRO A 187 13.81 -5.72 8.90
C PRO A 187 15.23 -5.33 8.49
N GLY A 188 15.45 -5.07 7.21
CA GLY A 188 16.68 -4.47 6.67
C GLY A 188 17.72 -5.52 6.29
N LEU A 189 17.29 -6.65 5.76
CA LEU A 189 18.18 -7.74 5.29
C LEU A 189 18.31 -7.67 3.77
N ARG A 190 19.35 -8.33 3.23
CA ARG A 190 19.61 -8.12 1.77
C ARG A 190 20.15 -9.41 1.15
N ASP A 191 19.22 -10.30 0.77
CA ASP A 191 19.62 -11.67 0.34
C ASP A 191 18.56 -12.19 -0.60
N LYS A 192 18.99 -12.72 -1.75
CA LYS A 192 18.05 -13.14 -2.80
C LYS A 192 17.17 -14.25 -2.22
N GLU A 193 17.73 -15.27 -1.57
CA GLU A 193 16.94 -16.40 -1.05
C GLU A 193 15.89 -15.90 -0.04
N LEU A 194 16.29 -15.04 0.92
CA LEU A 194 15.35 -14.58 1.98
C LEU A 194 14.18 -13.80 1.35
N TYR A 195 14.47 -13.02 0.30
CA TYR A 195 13.43 -12.21 -0.39
C TYR A 195 12.44 -13.16 -1.08
N LEU A 196 12.92 -14.21 -1.75
CA LEU A 196 12.05 -15.18 -2.45
C LEU A 196 11.23 -15.99 -1.43
N ARG A 197 11.80 -16.36 -0.29
CA ARG A 197 11.06 -17.09 0.74
C ARG A 197 9.94 -16.17 1.26
N ALA A 198 10.31 -14.93 1.61
CA ALA A 198 9.36 -13.96 2.16
C ALA A 198 8.23 -13.68 1.14
N ALA A 199 8.57 -13.55 -0.13
CA ALA A 199 7.57 -13.30 -1.21
C ALA A 199 6.56 -14.45 -1.22
N HIS A 200 7.05 -15.69 -1.14
CA HIS A 200 6.19 -16.88 -1.13
C HIS A 200 5.29 -16.88 0.12
N HIS A 201 5.87 -16.64 1.30
CA HIS A 201 5.11 -16.69 2.58
C HIS A 201 4.07 -15.54 2.65
N VAL A 202 4.35 -14.39 2.07
CA VAL A 202 3.35 -13.30 1.96
C VAL A 202 2.13 -13.81 1.17
N LEU A 203 2.35 -14.48 0.06
CA LEU A 203 1.25 -15.02 -0.78
C LEU A 203 0.48 -16.06 0.01
N LEU A 204 1.19 -16.93 0.71
CA LEU A 204 0.52 -18.01 1.50
C LEU A 204 -0.28 -17.40 2.67
N ALA A 205 0.21 -16.35 3.31
CA ALA A 205 -0.48 -15.62 4.42
C ALA A 205 -1.73 -14.97 3.85
N HIS A 206 -1.62 -14.38 2.65
CA HIS A 206 -2.82 -13.88 1.91
C HIS A 206 -3.82 -15.02 1.74
N GLY A 207 -3.42 -16.11 1.11
CA GLY A 207 -4.41 -17.16 0.78
C GLY A 207 -4.99 -17.84 2.02
N LYS A 208 -4.19 -18.09 3.06
CA LYS A 208 -4.72 -18.67 4.34
C LYS A 208 -5.62 -17.68 5.10
N ALA A 209 -5.38 -16.39 5.03
CA ALA A 209 -6.23 -15.40 5.72
C ALA A 209 -7.62 -15.35 5.07
N MET A 210 -7.68 -15.45 3.75
CA MET A 210 -8.94 -15.26 3.00
C MET A 210 -10.11 -16.06 3.57
N PRO A 211 -10.10 -17.39 3.79
CA PRO A 211 -11.29 -18.06 4.36
C PRO A 211 -11.64 -17.70 5.80
N VAL A 212 -10.67 -17.26 6.60
CA VAL A 212 -10.86 -16.72 7.98
C VAL A 212 -11.60 -15.38 7.92
N ILE A 213 -11.16 -14.43 7.10
CA ILE A 213 -11.97 -13.18 6.90
C ILE A 213 -13.42 -13.56 6.53
N ARG A 214 -13.60 -14.49 5.61
CA ARG A 214 -14.96 -14.85 5.11
C ARG A 214 -15.76 -15.55 6.23
N ALA A 215 -15.14 -16.48 6.96
CA ALA A 215 -15.81 -17.21 8.05
C ALA A 215 -16.21 -16.24 9.15
N ASN A 216 -15.45 -15.19 9.44
CA ASN A 216 -15.73 -14.26 10.56
C ASN A 216 -16.67 -13.14 10.09
N GLY A 217 -17.07 -13.08 8.84
CA GLY A 217 -17.87 -11.98 8.28
C GLY A 217 -19.30 -12.40 8.01
N ASN A 218 -19.85 -11.93 6.90
CA ASN A 218 -21.27 -12.16 6.50
C ASN A 218 -21.27 -12.18 4.97
N ALA A 219 -22.42 -12.15 4.32
CA ALA A 219 -22.50 -12.32 2.84
C ALA A 219 -21.97 -11.06 2.15
N GLN A 220 -21.79 -9.97 2.89
CA GLN A 220 -21.41 -8.61 2.38
C GLN A 220 -19.88 -8.49 2.36
N THR A 221 -19.17 -9.34 3.11
CA THR A 221 -17.70 -9.24 3.32
C THR A 221 -16.95 -9.42 1.99
N LYS A 222 -16.08 -8.47 1.64
CA LYS A 222 -15.22 -8.52 0.45
C LYS A 222 -13.77 -8.43 0.90
N ALA A 223 -12.90 -9.20 0.28
CA ALA A 223 -11.47 -9.16 0.65
C ALA A 223 -10.61 -9.37 -0.60
N GLY A 224 -9.39 -8.90 -0.47
CA GLY A 224 -8.38 -9.00 -1.52
C GLY A 224 -7.05 -8.56 -0.99
N ILE A 225 -6.08 -8.66 -1.86
CA ILE A 225 -4.70 -8.25 -1.58
C ILE A 225 -4.46 -6.88 -2.24
N VAL A 226 -3.40 -6.19 -1.83
CA VAL A 226 -2.99 -4.90 -2.45
C VAL A 226 -1.62 -5.08 -3.14
N LEU A 227 -1.54 -4.88 -4.43
CA LEU A 227 -0.27 -4.99 -5.15
C LEU A 227 0.15 -3.58 -5.56
N ASN A 228 1.42 -3.25 -5.33
CA ASN A 228 2.05 -2.11 -6.03
C ASN A 228 2.39 -2.59 -7.43
N LEU A 229 2.12 -1.74 -8.43
CA LEU A 229 2.40 -2.07 -9.84
C LEU A 229 2.81 -0.76 -10.48
N ASN A 230 3.84 -0.79 -11.28
CA ASN A 230 4.25 0.41 -12.04
C ASN A 230 4.30 0.03 -13.54
N TRP A 231 4.12 1.00 -14.43
CA TRP A 231 4.23 0.75 -15.89
C TRP A 231 5.71 0.62 -16.24
N VAL A 232 6.10 -0.52 -16.78
CA VAL A 232 7.52 -0.76 -17.14
C VAL A 232 7.70 -0.57 -18.63
N ASN A 233 8.78 0.10 -18.99
CA ASN A 233 9.10 0.57 -20.35
C ASN A 233 10.56 0.18 -20.63
N ALA A 234 10.87 -0.46 -21.75
CA ALA A 234 12.26 -0.68 -22.23
C ALA A 234 12.82 0.67 -22.66
N ALA A 235 14.09 0.93 -22.39
CA ALA A 235 14.75 2.20 -22.77
C ALA A 235 14.89 2.27 -24.30
N SER A 236 15.02 1.14 -24.99
CA SER A 236 15.12 1.10 -26.47
C SER A 236 14.55 -0.21 -27.02
N ASP A 237 14.70 -0.44 -28.34
CA ASP A 237 14.27 -1.68 -29.02
C ASP A 237 15.43 -2.69 -29.01
N SER A 238 16.59 -2.34 -28.44
CA SER A 238 17.72 -3.30 -28.46
C SER A 238 17.19 -4.58 -27.80
N PRO A 239 17.40 -5.76 -28.41
CA PRO A 239 17.06 -7.01 -27.73
C PRO A 239 17.46 -7.02 -26.24
N GLU A 240 18.67 -6.55 -25.89
CA GLU A 240 19.18 -6.58 -24.49
C GLU A 240 18.24 -5.72 -23.61
N ASP A 241 17.67 -4.66 -24.17
CA ASP A 241 16.88 -3.67 -23.38
C ASP A 241 15.45 -4.18 -23.22
N GLN A 242 14.90 -4.80 -24.26
CA GLN A 242 13.55 -5.42 -24.24
C GLN A 242 13.55 -6.56 -23.22
N ALA A 243 14.62 -7.35 -23.20
CA ALA A 243 14.73 -8.47 -22.22
C ALA A 243 14.92 -7.88 -20.82
N ALA A 244 15.69 -6.80 -20.63
CA ALA A 244 15.86 -6.15 -19.30
C ALA A 244 14.50 -5.67 -18.77
N ALA A 245 13.69 -5.05 -19.59
CA ALA A 245 12.34 -4.57 -19.25
C ALA A 245 11.45 -5.77 -18.89
N ARG A 246 11.56 -6.87 -19.65
CA ARG A 246 10.64 -8.02 -19.44
C ARG A 246 10.98 -8.62 -18.06
N ARG A 247 12.25 -8.82 -17.75
CA ARG A 247 12.72 -9.31 -16.43
C ARG A 247 12.23 -8.38 -15.33
N TYR A 248 12.42 -7.09 -15.48
CA TYR A 248 11.99 -6.14 -14.40
C TYR A 248 10.46 -6.23 -14.24
N ASP A 249 9.70 -6.25 -15.34
CA ASP A 249 8.24 -6.39 -15.28
C ASP A 249 7.90 -7.70 -14.55
N GLN A 250 8.58 -8.79 -14.85
CA GLN A 250 8.34 -10.10 -14.23
C GLN A 250 8.58 -9.94 -12.72
N PHE A 251 9.65 -9.24 -12.37
CA PHE A 251 10.08 -9.07 -10.96
C PHE A 251 9.14 -8.21 -10.11
N PHE A 252 8.70 -7.09 -10.69
CA PHE A 252 7.94 -6.02 -10.03
C PHE A 252 6.43 -6.32 -10.12
N ASN A 253 5.93 -6.61 -11.31
CA ASN A 253 4.47 -6.66 -11.60
C ASN A 253 3.88 -8.07 -11.65
N ARG A 254 4.60 -9.06 -12.19
CA ARG A 254 4.00 -10.39 -12.42
C ARG A 254 4.33 -11.38 -11.30
N TRP A 255 5.29 -11.10 -10.45
CA TRP A 255 5.78 -12.11 -9.48
C TRP A 255 4.67 -12.55 -8.52
N PHE A 256 3.73 -11.66 -8.23
CA PHE A 256 2.61 -11.86 -7.27
C PHE A 256 1.30 -12.10 -8.01
N ALA A 257 1.06 -11.31 -9.06
CA ALA A 257 -0.16 -11.45 -9.89
C ALA A 257 -0.25 -12.86 -10.51
N GLU A 258 0.84 -13.41 -11.06
CA GLU A 258 0.79 -14.72 -11.77
C GLU A 258 0.43 -15.81 -10.75
N PRO A 259 1.05 -15.88 -9.54
CA PRO A 259 0.63 -16.86 -8.54
C PRO A 259 -0.84 -16.72 -8.13
N LEU A 260 -1.26 -15.47 -7.91
CA LEU A 260 -2.61 -15.14 -7.43
C LEU A 260 -3.69 -15.62 -8.41
N TYR A 261 -3.48 -15.57 -9.73
CA TYR A 261 -4.55 -15.84 -10.73
C TYR A 261 -4.25 -17.15 -11.45
N ASN A 262 -2.98 -17.52 -11.62
CA ASN A 262 -2.60 -18.64 -12.52
C ASN A 262 -1.82 -19.74 -11.79
N GLY A 263 -1.63 -19.62 -10.49
CA GLY A 263 -0.91 -20.62 -9.65
C GLY A 263 0.47 -20.95 -10.19
N ARG A 264 1.21 -19.97 -10.64
CA ARG A 264 2.60 -20.18 -11.12
C ARG A 264 3.37 -18.89 -10.90
N TYR A 265 4.67 -18.99 -10.69
CA TYR A 265 5.56 -17.81 -10.80
C TYR A 265 5.97 -17.62 -12.25
N PRO A 266 6.33 -16.39 -12.67
CA PRO A 266 6.92 -16.15 -14.00
C PRO A 266 8.14 -17.04 -14.28
N GLU A 267 8.06 -17.96 -15.27
CA GLU A 267 8.98 -19.12 -15.29
C GLU A 267 10.42 -18.70 -15.64
N GLU A 268 10.61 -17.79 -16.60
CA GLU A 268 11.95 -17.31 -17.06
C GLU A 268 12.71 -16.67 -15.88
N LEU A 269 12.05 -15.80 -15.12
CA LEU A 269 12.67 -15.18 -13.90
C LEU A 269 12.88 -16.22 -12.82
N LEU A 270 11.93 -17.14 -12.62
CA LEU A 270 12.12 -18.23 -11.62
C LEU A 270 13.40 -19.03 -11.97
N GLU A 271 13.59 -19.40 -13.24
CA GLU A 271 14.82 -20.08 -13.74
C GLU A 271 16.06 -19.20 -13.45
N TRP A 272 16.05 -17.92 -13.89
CA TRP A 272 17.14 -16.93 -13.70
C TRP A 272 17.62 -16.90 -12.23
N TYR A 273 16.71 -17.04 -11.27
CA TYR A 273 16.99 -16.92 -9.83
C TYR A 273 17.56 -18.23 -9.30
N GLY A 274 17.06 -19.37 -9.80
CA GLY A 274 17.22 -20.69 -9.16
C GLY A 274 15.90 -21.16 -8.56
N ARG A 275 15.15 -21.98 -9.28
CA ARG A 275 13.78 -22.37 -8.90
C ARG A 275 13.70 -22.96 -7.48
N ASP A 276 14.74 -23.67 -7.03
CA ASP A 276 14.75 -24.35 -5.68
C ASP A 276 14.76 -23.30 -4.56
N LEU A 277 15.15 -22.04 -4.80
CA LEU A 277 15.18 -20.97 -3.73
C LEU A 277 13.77 -20.62 -3.25
N VAL A 278 12.75 -20.83 -4.08
CA VAL A 278 11.33 -20.57 -3.67
C VAL A 278 10.77 -21.77 -2.92
N PRO A 279 10.36 -21.64 -1.64
CA PRO A 279 10.00 -22.81 -0.85
C PRO A 279 8.56 -23.28 -1.06
N VAL A 280 8.23 -23.69 -2.30
CA VAL A 280 6.87 -24.14 -2.69
C VAL A 280 6.64 -25.54 -2.11
N GLN A 281 5.56 -25.73 -1.36
CA GLN A 281 5.12 -27.07 -0.93
C GLN A 281 3.87 -27.45 -1.70
N PRO A 282 3.53 -28.77 -1.78
CA PRO A 282 2.30 -29.21 -2.43
C PRO A 282 1.11 -28.52 -1.74
N GLY A 283 0.14 -28.06 -2.52
CA GLY A 283 -1.10 -27.40 -2.07
C GLY A 283 -0.93 -25.90 -1.95
N ASP A 284 0.29 -25.37 -2.04
CA ASP A 284 0.53 -23.92 -1.78
C ASP A 284 -0.17 -23.06 -2.84
N PHE A 285 -0.07 -23.40 -4.11
CA PHE A 285 -0.73 -22.61 -5.18
C PHE A 285 -2.26 -22.71 -5.06
N ASP A 286 -2.86 -23.84 -4.69
CA ASP A 286 -4.30 -23.88 -4.37
C ASP A 286 -4.62 -22.85 -3.29
N ILE A 287 -3.77 -22.73 -2.27
CA ILE A 287 -4.06 -21.73 -1.19
C ILE A 287 -3.95 -20.32 -1.79
N ILE A 288 -2.87 -20.02 -2.51
CA ILE A 288 -2.56 -18.64 -2.99
C ILE A 288 -3.68 -18.16 -3.93
N THR A 289 -4.26 -19.09 -4.72
CA THR A 289 -5.30 -18.78 -5.74
C THR A 289 -6.69 -18.68 -5.13
N THR A 290 -6.84 -18.73 -3.81
CA THR A 290 -8.17 -18.68 -3.19
C THR A 290 -8.90 -17.47 -3.75
N PRO A 291 -10.14 -17.61 -4.30
CA PRO A 291 -10.83 -16.49 -4.93
C PRO A 291 -10.97 -15.23 -4.07
N THR A 292 -10.72 -14.08 -4.67
CA THR A 292 -10.77 -12.75 -4.01
C THR A 292 -11.97 -12.02 -4.60
N ASP A 293 -12.46 -10.99 -3.95
CA ASP A 293 -13.60 -10.17 -4.43
C ASP A 293 -13.10 -9.05 -5.33
N PHE A 294 -11.83 -8.70 -5.16
CA PHE A 294 -11.26 -7.54 -5.84
C PHE A 294 -9.77 -7.68 -5.83
N LEU A 295 -9.14 -6.89 -6.69
CA LEU A 295 -7.69 -6.66 -6.67
C LEU A 295 -7.47 -5.18 -6.46
N ALA A 296 -6.74 -4.89 -5.42
CA ALA A 296 -6.35 -3.51 -5.10
C ALA A 296 -4.96 -3.19 -5.68
N VAL A 297 -4.85 -1.99 -6.25
CA VAL A 297 -3.65 -1.53 -7.02
C VAL A 297 -3.14 -0.24 -6.38
N ASN A 298 -1.84 -0.21 -6.14
CA ASN A 298 -1.09 0.99 -5.71
C ASN A 298 -0.18 1.33 -6.88
N TYR A 299 -0.47 2.44 -7.53
CA TYR A 299 0.21 2.92 -8.75
C TYR A 299 0.77 4.33 -8.47
N TYR A 300 2.02 4.56 -8.89
CA TYR A 300 2.71 5.87 -8.83
C TYR A 300 3.37 6.27 -10.13
N ALA A 301 3.98 5.36 -10.91
CA ALA A 301 5.01 5.81 -11.86
C ALA A 301 5.21 4.85 -13.02
N ARG A 302 5.95 5.34 -14.00
CA ARG A 302 6.56 4.55 -15.08
C ARG A 302 8.02 4.32 -14.69
N THR A 303 8.50 3.10 -14.89
CA THR A 303 9.90 2.73 -14.66
C THR A 303 10.49 2.31 -15.99
N THR A 304 11.61 2.93 -16.42
CA THR A 304 12.20 2.68 -17.74
C THR A 304 13.52 1.94 -17.48
N VAL A 305 13.75 0.83 -18.18
CA VAL A 305 14.82 -0.17 -17.85
C VAL A 305 15.73 -0.35 -19.07
N LYS A 306 17.04 -0.36 -18.88
CA LYS A 306 17.96 -0.88 -19.93
C LYS A 306 18.80 -2.03 -19.35
N ALA A 307 19.36 -2.85 -20.24
CA ALA A 307 20.38 -3.86 -19.88
C ALA A 307 21.50 -3.11 -19.19
N GLY A 308 22.03 -3.61 -18.10
CA GLY A 308 23.08 -2.87 -17.39
C GLY A 308 23.44 -3.68 -16.19
N SER A 309 24.22 -3.13 -15.28
CA SER A 309 24.70 -3.90 -14.11
C SER A 309 24.37 -3.15 -12.81
N THR A 310 23.71 -1.99 -12.85
CA THR A 310 23.28 -1.24 -11.63
C THR A 310 22.69 -2.22 -10.62
N ASP A 311 21.61 -2.89 -11.00
CA ASP A 311 21.02 -4.01 -10.22
C ASP A 311 21.75 -5.25 -10.68
N PRO A 312 22.68 -5.82 -9.87
CA PRO A 312 23.39 -7.01 -10.30
C PRO A 312 22.46 -8.24 -10.33
N MET A 313 21.51 -8.33 -9.38
CA MET A 313 20.51 -9.43 -9.32
C MET A 313 19.80 -9.53 -10.69
N LEU A 314 19.33 -8.43 -11.29
CA LEU A 314 18.52 -8.54 -12.52
C LEU A 314 19.30 -8.12 -13.76
N GLN A 315 20.54 -7.62 -13.59
CA GLN A 315 21.32 -7.11 -14.75
C GLN A 315 20.48 -6.01 -15.43
N VAL A 316 20.05 -4.99 -14.68
CA VAL A 316 19.38 -3.79 -15.28
C VAL A 316 19.95 -2.49 -14.71
N ASP A 317 19.82 -1.41 -15.50
CA ASP A 317 19.97 0.01 -15.12
C ASP A 317 18.63 0.68 -15.37
N PHE A 318 18.38 1.73 -14.63
CA PHE A 318 17.18 2.58 -14.77
C PHE A 318 17.56 3.78 -15.61
N VAL A 319 16.66 4.22 -16.45
CA VAL A 319 16.76 5.39 -17.36
C VAL A 319 15.61 6.33 -16.96
N ARG A 320 15.90 7.61 -16.93
CA ARG A 320 14.85 8.67 -16.71
C ARG A 320 14.51 9.27 -18.08
N PRO A 321 13.37 8.95 -18.73
CA PRO A 321 12.98 9.63 -19.95
C PRO A 321 12.82 11.14 -19.68
N PRO A 322 13.02 12.02 -20.70
CA PRO A 322 12.62 13.44 -20.57
C PRO A 322 11.15 13.51 -20.16
N GLY A 323 10.84 14.30 -19.14
CA GLY A 323 9.49 14.42 -18.62
C GLY A 323 9.48 15.04 -17.24
N GLU A 324 8.37 14.82 -16.56
CA GLU A 324 8.08 15.41 -15.26
C GLU A 324 8.30 14.36 -14.16
N TYR A 325 9.02 14.78 -13.11
CA TYR A 325 9.43 14.00 -11.94
C TYR A 325 8.88 14.68 -10.69
N THR A 326 8.41 13.86 -9.73
CA THR A 326 8.07 14.31 -8.36
C THR A 326 9.35 14.57 -7.56
N ALA A 327 9.21 15.05 -6.32
CA ALA A 327 10.33 15.17 -5.36
C ALA A 327 10.91 13.79 -5.00
N MET A 328 10.24 12.67 -5.28
CA MET A 328 10.79 11.29 -5.03
C MET A 328 11.68 10.87 -6.22
N ASP A 329 11.71 11.66 -7.27
CA ASP A 329 12.31 11.30 -8.56
C ASP A 329 11.54 10.15 -9.21
N TRP A 330 10.23 10.12 -9.06
CA TRP A 330 9.32 9.16 -9.76
C TRP A 330 8.68 9.85 -10.97
N GLU A 331 8.77 9.23 -12.16
CA GLU A 331 8.25 9.88 -13.38
C GLU A 331 6.74 9.97 -13.29
N VAL A 332 6.15 11.13 -13.63
CA VAL A 332 4.69 11.35 -13.74
C VAL A 332 4.19 10.82 -15.09
N TYR A 333 3.38 9.76 -15.06
CA TYR A 333 2.95 8.99 -16.26
C TYR A 333 1.54 8.47 -16.08
N PRO A 334 0.52 9.36 -16.11
CA PRO A 334 -0.84 8.90 -15.83
C PRO A 334 -1.37 7.87 -16.82
N GLN A 335 -0.89 7.85 -18.06
CA GLN A 335 -1.25 6.78 -19.04
C GLN A 335 -0.92 5.40 -18.44
N GLY A 336 0.15 5.31 -17.64
CA GLY A 336 0.60 4.04 -17.02
C GLY A 336 -0.52 3.46 -16.19
N LEU A 337 -1.35 4.30 -15.58
CA LEU A 337 -2.42 3.77 -14.70
C LEU A 337 -3.49 3.10 -15.53
N TYR A 338 -3.84 3.70 -16.67
CA TYR A 338 -4.79 3.08 -17.61
C TYR A 338 -4.21 1.77 -18.06
N ASN A 339 -2.95 1.79 -18.44
CA ASN A 339 -2.21 0.62 -19.04
C ASN A 339 -2.22 -0.55 -18.04
N ILE A 340 -1.91 -0.29 -16.78
CA ILE A 340 -1.88 -1.34 -15.72
C ILE A 340 -3.30 -1.93 -15.52
N LEU A 341 -4.28 -1.08 -15.31
CA LEU A 341 -5.69 -1.48 -15.12
C LEU A 341 -6.15 -2.31 -16.32
N ASN A 342 -5.82 -1.90 -17.54
CA ASN A 342 -6.25 -2.61 -18.76
C ASN A 342 -5.57 -3.99 -18.82
N TRP A 343 -4.26 -4.07 -18.53
CA TRP A 343 -3.51 -5.36 -18.48
C TRP A 343 -4.22 -6.28 -17.48
N LEU A 344 -4.49 -5.81 -16.25
CA LEU A 344 -5.10 -6.65 -15.20
C LEU A 344 -6.48 -7.12 -15.68
N HIS A 345 -7.27 -6.22 -16.25
CA HIS A 345 -8.64 -6.54 -16.74
C HIS A 345 -8.52 -7.64 -17.82
N THR A 346 -7.59 -7.51 -18.76
CA THR A 346 -7.59 -8.40 -19.93
C THR A 346 -7.03 -9.76 -19.51
N ASP A 347 -6.02 -9.80 -18.67
CA ASP A 347 -5.20 -11.00 -18.39
C ASP A 347 -5.81 -11.81 -17.25
N TYR A 348 -6.40 -11.14 -16.26
CA TYR A 348 -6.86 -11.79 -15.02
C TYR A 348 -8.36 -11.59 -14.75
N ALA A 349 -9.01 -10.61 -15.38
CA ALA A 349 -10.47 -10.35 -15.21
C ALA A 349 -10.86 -10.34 -13.72
N PRO A 350 -10.21 -9.56 -12.84
CA PRO A 350 -10.68 -9.45 -11.46
C PRO A 350 -12.09 -8.91 -11.55
N PRO A 351 -13.02 -9.39 -10.70
CA PRO A 351 -14.39 -8.93 -10.75
C PRO A 351 -14.55 -7.44 -10.39
N ALA A 352 -13.62 -6.93 -9.60
CA ALA A 352 -13.56 -5.53 -9.18
C ALA A 352 -12.10 -5.12 -8.97
N LEU A 353 -11.82 -3.87 -9.31
CA LEU A 353 -10.51 -3.20 -9.11
C LEU A 353 -10.72 -1.98 -8.21
N TYR A 354 -9.73 -1.74 -7.34
CA TYR A 354 -9.61 -0.46 -6.61
C TYR A 354 -8.24 0.12 -6.85
N VAL A 355 -8.14 1.43 -7.00
CA VAL A 355 -6.82 2.07 -6.75
C VAL A 355 -6.76 2.40 -5.25
N THR A 356 -5.95 1.67 -4.48
CA THR A 356 -5.87 1.87 -3.02
C THR A 356 -4.79 2.89 -2.65
N GLU A 357 -3.91 3.23 -3.58
CA GLU A 357 -2.89 4.30 -3.42
C GLU A 357 -2.59 4.91 -4.79
N ASN A 358 -2.58 6.23 -4.83
CA ASN A 358 -1.96 7.02 -5.92
C ASN A 358 -1.83 8.46 -5.43
N GLY A 359 -0.67 9.05 -5.64
CA GLY A 359 -0.35 10.41 -5.17
C GLY A 359 1.08 10.76 -5.52
N ALA A 360 1.48 11.94 -5.07
CA ALA A 360 2.77 12.56 -5.42
C ALA A 360 3.29 13.33 -4.22
N ALA A 361 4.59 13.35 -4.11
CA ALA A 361 5.37 14.24 -3.19
C ALA A 361 6.05 15.35 -3.99
N TYR A 362 5.69 16.58 -3.66
CA TYR A 362 6.33 17.82 -4.12
C TYR A 362 6.71 18.67 -2.87
N ASP A 363 7.67 19.56 -3.04
CA ASP A 363 8.08 20.54 -1.98
C ASP A 363 6.88 21.43 -1.69
N ASP A 364 6.42 21.45 -0.46
CA ASP A 364 5.29 22.30 -0.01
C ASP A 364 5.78 23.38 0.94
N GLN A 365 5.13 24.54 0.95
CA GLN A 365 5.37 25.68 1.89
C GLN A 365 4.05 26.30 2.29
N VAL A 366 3.89 26.71 3.56
CA VAL A 366 2.72 27.50 4.02
C VAL A 366 2.98 28.95 3.61
N SER A 367 2.08 29.58 2.87
CA SER A 367 2.23 31.00 2.44
C SER A 367 2.06 31.88 3.67
N ALA A 368 2.47 33.14 3.56
CA ALA A 368 2.18 34.21 4.54
C ALA A 368 0.70 34.10 4.95
N ALA A 369 -0.18 33.84 3.98
CA ALA A 369 -1.65 33.78 4.19
C ALA A 369 -2.11 32.48 4.88
N GLY A 370 -1.21 31.56 5.22
CA GLY A 370 -1.59 30.26 5.82
C GLY A 370 -2.12 29.23 4.83
N GLU A 371 -1.84 29.35 3.53
CA GLU A 371 -2.31 28.38 2.51
C GLU A 371 -1.12 27.55 1.99
N VAL A 372 -1.43 26.39 1.41
CA VAL A 372 -0.43 25.52 0.76
C VAL A 372 -0.78 25.36 -0.72
N ASP A 373 -0.05 26.07 -1.58
CA ASP A 373 -0.33 26.18 -3.02
C ASP A 373 0.47 25.06 -3.68
N ASP A 374 -0.15 23.91 -3.99
CA ASP A 374 0.57 22.73 -4.58
C ASP A 374 0.06 22.40 -5.99
N PRO A 375 0.31 23.28 -6.99
CA PRO A 375 -0.24 23.06 -8.33
C PRO A 375 0.32 21.81 -9.02
N GLN A 376 1.52 21.34 -8.66
CA GLN A 376 2.12 20.15 -9.33
C GLN A 376 1.43 18.88 -8.80
N ARG A 377 1.09 18.84 -7.52
CA ARG A 377 0.35 17.69 -6.94
C ARG A 377 -1.06 17.69 -7.51
N LEU A 378 -1.65 18.86 -7.70
CA LEU A 378 -3.05 18.93 -8.22
C LEU A 378 -3.00 18.34 -9.64
N ALA A 379 -2.05 18.76 -10.49
CA ALA A 379 -1.96 18.35 -11.90
C ALA A 379 -1.70 16.84 -11.92
N TYR A 380 -0.91 16.34 -10.96
CA TYR A 380 -0.62 14.89 -10.86
C TYR A 380 -1.93 14.12 -10.71
N LEU A 381 -2.75 14.52 -9.76
CA LEU A 381 -4.04 13.88 -9.42
C LEU A 381 -5.04 14.02 -10.57
N GLU A 382 -5.20 15.19 -11.13
CA GLU A 382 -6.11 15.42 -12.27
C GLU A 382 -5.75 14.44 -13.41
N GLY A 383 -4.49 14.31 -13.79
CA GLY A 383 -4.14 13.40 -14.90
C GLY A 383 -4.44 11.95 -14.56
N HIS A 384 -4.19 11.53 -13.33
CA HIS A 384 -4.44 10.11 -12.93
C HIS A 384 -5.94 9.86 -12.80
N PHE A 385 -6.69 10.81 -12.28
CA PHE A 385 -8.17 10.66 -12.21
C PHE A 385 -8.72 10.53 -13.63
N GLU A 386 -8.19 11.32 -14.57
CA GLU A 386 -8.62 11.29 -15.99
C GLU A 386 -8.30 9.88 -16.56
N ALA A 387 -7.12 9.29 -16.28
CA ALA A 387 -6.74 7.92 -16.69
C ALA A 387 -7.75 6.89 -16.10
N ALA A 388 -8.16 7.03 -14.83
CA ALA A 388 -9.12 6.13 -14.16
C ALA A 388 -10.46 6.25 -14.88
N TYR A 389 -10.91 7.48 -15.16
CA TYR A 389 -12.18 7.74 -15.92
C TYR A 389 -12.13 7.01 -17.27
N ARG A 390 -11.03 7.08 -17.99
CA ARG A 390 -10.88 6.37 -19.28
C ARG A 390 -11.00 4.84 -19.08
N ALA A 391 -10.47 4.31 -17.97
CA ALA A 391 -10.45 2.87 -17.70
C ALA A 391 -11.91 2.45 -17.55
N ILE A 392 -12.68 3.24 -16.80
CA ILE A 392 -14.10 2.95 -16.54
C ILE A 392 -14.84 2.97 -17.88
N GLN A 393 -14.54 3.93 -18.77
CA GLN A 393 -15.29 4.05 -20.06
C GLN A 393 -14.96 2.87 -20.96
N ALA A 394 -13.78 2.27 -20.82
CA ALA A 394 -13.39 1.05 -21.56
C ALA A 394 -14.02 -0.20 -20.92
N GLY A 395 -14.79 -0.12 -19.84
CA GLY A 395 -15.45 -1.33 -19.28
C GLY A 395 -14.63 -1.95 -18.16
N ILE A 396 -13.60 -1.29 -17.67
CA ILE A 396 -12.78 -1.89 -16.58
C ILE A 396 -13.51 -1.65 -15.28
N PRO A 397 -13.73 -2.69 -14.45
CA PRO A 397 -14.61 -2.56 -13.29
C PRO A 397 -13.93 -1.90 -12.08
N LEU A 398 -13.48 -0.66 -12.29
CA LEU A 398 -12.83 0.18 -11.24
C LEU A 398 -13.93 0.74 -10.33
N LYS A 399 -13.92 0.34 -9.07
CA LYS A 399 -15.00 0.64 -8.10
C LYS A 399 -14.61 1.77 -7.17
N GLY A 400 -13.34 2.12 -7.09
CA GLY A 400 -12.97 3.17 -6.12
C GLY A 400 -11.57 3.63 -6.34
N TYR A 401 -11.23 4.75 -5.74
CA TYR A 401 -9.94 5.43 -5.90
C TYR A 401 -9.63 6.08 -4.56
N PHE A 402 -8.51 5.69 -3.97
CA PHE A 402 -7.99 6.26 -2.70
C PHE A 402 -6.70 7.02 -2.97
N VAL A 403 -6.72 8.32 -2.67
CA VAL A 403 -5.51 9.18 -2.81
C VAL A 403 -4.54 8.85 -1.69
N TRP A 404 -3.26 8.65 -2.02
CA TRP A 404 -2.17 8.61 -1.02
C TRP A 404 -1.61 10.02 -0.99
N SER A 405 -1.82 10.77 0.09
CA SER A 405 -2.37 10.36 1.38
C SER A 405 -3.34 11.44 1.84
N LEU A 406 -4.17 11.11 2.81
CA LEU A 406 -4.95 12.12 3.57
C LEU A 406 -4.04 13.29 3.95
N MET A 407 -2.94 12.98 4.59
CA MET A 407 -2.04 14.02 5.14
C MET A 407 -0.58 13.61 5.06
N ASP A 408 0.29 14.59 5.09
CA ASP A 408 1.75 14.37 5.16
C ASP A 408 2.02 13.39 6.30
N ASN A 409 2.96 12.47 6.10
CA ASN A 409 3.21 11.45 7.16
C ASN A 409 4.68 11.00 7.09
N PHE A 410 5.02 9.97 7.87
CA PHE A 410 6.36 9.34 7.86
C PHE A 410 6.48 8.46 6.64
N GLU A 411 7.29 8.86 5.67
CA GLU A 411 7.44 8.13 4.39
C GLU A 411 8.62 7.12 4.46
N TRP A 412 8.61 6.25 5.46
CA TRP A 412 9.46 5.06 5.56
C TRP A 412 10.91 5.52 5.48
N GLY A 413 11.71 5.01 4.56
CA GLY A 413 13.13 5.39 4.43
C GLY A 413 13.39 6.86 4.09
N ARG A 414 12.38 7.59 3.62
CA ARG A 414 12.51 9.02 3.27
CA ARG A 414 12.54 9.03 3.29
C ARG A 414 12.18 9.86 4.52
N GLY A 415 11.72 9.23 5.61
CA GLY A 415 11.30 9.94 6.84
C GLY A 415 10.23 10.98 6.52
N PHE A 416 10.22 12.15 7.19
CA PHE A 416 9.13 13.14 7.00
C PHE A 416 9.43 14.15 5.87
N GLU A 417 10.59 14.08 5.24
CA GLU A 417 11.01 15.11 4.24
C GLU A 417 10.17 14.99 2.96
N LYS A 418 9.50 13.87 2.71
CA LYS A 418 8.65 13.72 1.52
C LYS A 418 7.18 13.77 1.98
N ARG A 419 6.44 14.73 1.40
CA ARG A 419 5.08 15.05 1.82
C ARG A 419 4.15 14.61 0.70
N PHE A 420 3.29 13.61 1.02
CA PHE A 420 2.33 13.00 0.08
C PHE A 420 0.91 13.51 0.33
N GLY A 421 0.66 14.29 1.38
CA GLY A 421 -0.72 14.61 1.77
C GLY A 421 -1.41 15.56 0.82
N ILE A 422 -2.74 15.45 0.75
CA ILE A 422 -3.54 16.57 0.20
C ILE A 422 -3.88 17.50 1.37
N VAL A 423 -3.42 17.15 2.57
CA VAL A 423 -3.50 17.99 3.80
C VAL A 423 -2.10 18.11 4.39
N PHE A 424 -1.66 19.35 4.60
CA PHE A 424 -0.32 19.69 5.11
C PHE A 424 -0.30 19.47 6.63
N VAL A 425 0.77 18.93 7.18
CA VAL A 425 0.92 18.84 8.67
C VAL A 425 2.14 19.66 9.08
N ASP A 426 1.92 20.68 9.88
CA ASP A 426 2.99 21.41 10.60
C ASP A 426 3.40 20.55 11.79
N TYR A 427 4.51 19.81 11.67
CA TYR A 427 4.93 18.87 12.75
C TYR A 427 5.20 19.66 14.07
N ALA A 428 5.58 20.92 14.04
CA ALA A 428 5.84 21.73 15.26
C ALA A 428 4.57 21.82 16.11
N THR A 429 3.39 21.78 15.50
CA THR A 429 2.10 22.03 16.22
C THR A 429 1.07 20.91 15.99
N GLN A 430 1.26 20.06 15.01
CA GLN A 430 0.30 19.04 14.53
C GLN A 430 -0.86 19.73 13.81
N GLN A 431 -0.72 21.02 13.47
CA GLN A 431 -1.76 21.73 12.71
C GLN A 431 -1.96 21.06 11.35
N ARG A 432 -3.20 20.71 11.01
CA ARG A 432 -3.54 20.27 9.63
C ARG A 432 -4.02 21.50 8.81
N ILE A 433 -3.49 21.67 7.62
CA ILE A 433 -3.95 22.67 6.62
C ILE A 433 -4.31 21.97 5.31
N ILE A 434 -5.57 22.02 4.89
CA ILE A 434 -5.98 21.37 3.61
C ILE A 434 -5.23 22.12 2.51
N LYS A 435 -4.51 21.43 1.66
CA LYS A 435 -3.75 22.02 0.52
C LYS A 435 -4.73 22.41 -0.60
N ARG A 436 -4.25 23.24 -1.52
CA ARG A 436 -4.99 23.53 -2.75
C ARG A 436 -5.48 22.23 -3.39
N SER A 437 -4.63 21.19 -3.44
CA SER A 437 -4.99 19.93 -4.10
C SER A 437 -6.15 19.31 -3.32
N GLY A 438 -6.14 19.41 -2.00
CA GLY A 438 -7.23 18.93 -1.11
C GLY A 438 -8.55 19.68 -1.34
N LYS A 439 -8.48 21.01 -1.52
CA LYS A 439 -9.69 21.84 -1.81
C LYS A 439 -10.28 21.43 -3.17
N TRP A 440 -9.43 21.24 -4.15
CA TRP A 440 -9.84 20.69 -5.46
C TRP A 440 -10.48 19.30 -5.29
N PHE A 441 -9.86 18.40 -4.55
CA PHE A 441 -10.40 17.03 -4.38
C PHE A 441 -11.76 17.14 -3.71
N SER A 442 -11.92 18.08 -2.77
CA SER A 442 -13.20 18.36 -2.06
C SER A 442 -14.33 18.55 -3.08
N GLN A 443 -14.01 19.15 -4.22
CA GLN A 443 -14.97 19.42 -5.35
C GLN A 443 -15.18 18.17 -6.22
N VAL A 444 -14.11 17.41 -6.51
CA VAL A 444 -14.21 16.12 -7.27
C VAL A 444 -15.13 15.14 -6.56
N THR A 445 -14.90 14.91 -5.27
CA THR A 445 -15.72 13.95 -4.49
C THR A 445 -17.20 14.37 -4.55
N ARG A 446 -17.49 15.65 -4.36
CA ARG A 446 -18.89 16.16 -4.33
C ARG A 446 -19.52 16.11 -5.72
N ALA A 447 -18.77 16.35 -6.79
CA ALA A 447 -19.30 16.32 -8.16
C ALA A 447 -19.29 14.88 -8.69
N ASN A 448 -18.59 14.00 -7.97
CA ASN A 448 -18.32 12.63 -8.43
C ASN A 448 -17.68 12.69 -9.82
N GLY A 449 -16.71 13.57 -10.04
CA GLY A 449 -16.06 13.68 -11.35
C GLY A 449 -15.23 14.94 -11.50
N LEU A 450 -14.70 15.22 -12.70
CA LEU A 450 -13.80 16.38 -12.99
C LEU A 450 -14.53 17.46 -13.78
#